data_4UTN
#
_entry.id   4UTN
#
_cell.length_a   87.440
_cell.length_b   87.440
_cell.length_c   314.920
_cell.angle_alpha   90.00
_cell.angle_beta   90.00
_cell.angle_gamma   120.00
#
_symmetry.space_group_name_H-M   'P 65 2 2'
#
loop_
_entity.id
_entity.type
_entity.pdbx_description
1 polymer 'NAD-DEPENDENT PROTEIN DEACYLASE SIRTUIN-5, MITOCHONDRIAL'
2 polymer SUCCINYL-CPS1-PEPTIDE
3 non-polymer 'ZINC ION'
4 non-polymer '4-(2-HYDROXYETHYL)-1-PIPERAZINE ETHANESULFONIC ACID'
5 non-polymer 'DIMETHYL SULFOXIDE'
6 non-polymer 1,2-ETHANEDIOL
7 water water
#
loop_
_entity_poly.entity_id
_entity_poly.type
_entity_poly.pdbx_seq_one_letter_code
_entity_poly.pdbx_strand_id
1 'polypeptide(L)'
;GIDPFTTRPSSDLTAFREHFAKAKHIAIITGAGVSAESGVPTFRGPGGFWRKWQAQDLATPEAFSRDPSLVWEFYHYRRE
VMRSKMPNPAHLAIAECEARLGQQGRSVVIITQNIDELHHRAGSKHVYEIHGSLFKTRCMSCGEVKANHKSPICPALDGK
GAPDPNTKEARIPVELLPRCERKSCNGLLRPHVVWFGETLDSDILTAVERELEKCDLCLVVGTSSIVYPAAMFAPQVASR
GVPVAEFNMECTPATQRFKYHFEGPCGSTLPPALE
;
A,B
2 'polypeptide(L)' (BEZ)GVL(SLL)EYGV D
#
loop_
_chem_comp.id
_chem_comp.type
_chem_comp.name
_chem_comp.formula
BEZ non-polymer 'BENZOIC ACID' 'C7 H6 O2'
DMS non-polymer 'DIMETHYL SULFOXIDE' 'C2 H6 O S'
EDO non-polymer 1,2-ETHANEDIOL 'C2 H6 O2'
EPE non-polymer '4-(2-HYDROXYETHYL)-1-PIPERAZINE ETHANESULFONIC ACID' 'C8 H18 N2 O4 S'
ZN non-polymer 'ZINC ION' 'Zn 2'
#
# COMPACT_ATOMS: atom_id res chain seq x y z
N ASP A 12 -14.82 -17.57 -14.73
CA ASP A 12 -13.48 -17.95 -15.23
C ASP A 12 -12.54 -16.74 -15.37
N LEU A 13 -11.48 -16.82 -14.59
CA LEU A 13 -10.43 -15.80 -14.58
C LEU A 13 -9.80 -15.64 -15.96
N THR A 14 -9.60 -16.74 -16.68
CA THR A 14 -9.02 -16.67 -18.02
C THR A 14 -9.88 -15.85 -18.97
N ALA A 15 -11.19 -16.05 -18.92
CA ALA A 15 -12.07 -15.30 -19.80
C ALA A 15 -12.07 -13.82 -19.39
N PHE A 16 -12.04 -13.55 -18.09
CA PHE A 16 -11.97 -12.16 -17.65
C PHE A 16 -10.67 -11.54 -18.15
N ARG A 17 -9.57 -12.27 -18.02
CA ARG A 17 -8.28 -11.70 -18.39
C ARG A 17 -8.17 -11.43 -19.87
N GLU A 18 -8.88 -12.22 -20.70
CA GLU A 18 -8.93 -11.91 -22.13
C GLU A 18 -9.58 -10.54 -22.39
N HIS A 19 -10.64 -10.20 -21.64
CA HIS A 19 -11.20 -8.87 -21.74
C HIS A 19 -10.28 -7.82 -21.20
N PHE A 20 -9.67 -8.10 -20.05
CA PHE A 20 -8.73 -7.16 -19.46
C PHE A 20 -7.57 -6.76 -20.42
N ALA A 21 -7.03 -7.76 -21.12
CA ALA A 21 -5.90 -7.51 -22.05
C ALA A 21 -6.27 -6.53 -23.16
N LYS A 22 -7.55 -6.47 -23.53
CA LYS A 22 -8.04 -5.71 -24.70
C LYS A 22 -8.66 -4.37 -24.28
N ALA A 23 -9.02 -4.25 -23.01
CA ALA A 23 -9.76 -3.08 -22.57
C ALA A 23 -8.90 -1.81 -22.68
N LYS A 24 -9.44 -0.76 -23.33
CA LYS A 24 -8.77 0.55 -23.38
C LYS A 24 -9.25 1.52 -22.31
N HIS A 25 -10.35 1.23 -21.64
CA HIS A 25 -10.94 2.18 -20.69
C HIS A 25 -11.71 1.44 -19.61
N ILE A 26 -11.11 1.32 -18.43
CA ILE A 26 -11.66 0.51 -17.36
C ILE A 26 -12.20 1.44 -16.31
N ALA A 27 -13.44 1.19 -15.89
CA ALA A 27 -14.02 1.91 -14.78
C ALA A 27 -14.10 0.96 -13.62
N ILE A 28 -13.53 1.36 -12.49
CA ILE A 28 -13.57 0.53 -11.29
C ILE A 28 -14.40 1.26 -10.23
N ILE A 29 -15.51 0.66 -9.83
CA ILE A 29 -16.37 1.20 -8.76
C ILE A 29 -16.02 0.45 -7.48
N THR A 30 -15.78 1.18 -6.40
CA THR A 30 -15.41 0.53 -5.14
C THR A 30 -16.33 0.95 -3.98
N GLY A 31 -16.72 -0.05 -3.16
CA GLY A 31 -17.57 0.16 -2.00
C GLY A 31 -16.88 -0.23 -0.73
N ALA A 32 -17.69 -0.37 0.31
CA ALA A 32 -17.15 -0.47 1.64
C ALA A 32 -16.33 -1.71 1.87
N GLY A 33 -16.55 -2.77 1.10
CA GLY A 33 -15.72 -3.95 1.26
C GLY A 33 -14.22 -3.73 1.10
N VAL A 34 -13.89 -2.80 0.23
CA VAL A 34 -12.47 -2.62 -0.04
C VAL A 34 -11.82 -1.82 1.09
N SER A 35 -12.62 -1.16 1.90
CA SER A 35 -12.10 -0.32 3.02
C SER A 35 -12.20 -1.08 4.35
N ALA A 36 -13.18 -1.98 4.41
CA ALA A 36 -13.27 -2.87 5.59
C ALA A 36 -12.02 -3.73 5.70
N GLU A 37 -11.45 -4.15 4.57
CA GLU A 37 -10.23 -4.96 4.55
C GLU A 37 -8.95 -4.20 4.91
N SER A 38 -9.04 -2.90 5.08
CA SER A 38 -7.92 -2.15 5.62
C SER A 38 -8.11 -1.95 7.12
N GLY A 39 -9.15 -2.54 7.69
CA GLY A 39 -9.40 -2.42 9.13
C GLY A 39 -10.21 -1.20 9.53
N VAL A 40 -10.97 -0.64 8.60
CA VAL A 40 -11.52 0.72 8.71
C VAL A 40 -13.01 0.62 8.99
N PRO A 41 -13.39 1.04 10.18
CA PRO A 41 -14.77 0.80 10.60
C PRO A 41 -15.76 1.58 9.75
N THR A 42 -16.92 0.98 9.49
CA THR A 42 -17.92 1.64 8.69
C THR A 42 -18.91 2.21 9.65
N PHE A 43 -19.18 1.53 10.76
CA PHE A 43 -20.22 1.95 11.71
C PHE A 43 -21.67 1.59 11.33
N ARG A 44 -21.79 0.64 10.42
CA ARG A 44 -23.07 0.24 9.93
C ARG A 44 -23.21 -1.24 10.17
N GLY A 45 -24.30 -1.65 10.79
CA GLY A 45 -24.47 -3.05 11.15
C GLY A 45 -24.16 -3.45 12.58
N PRO A 46 -24.13 -4.77 12.83
CA PRO A 46 -23.88 -5.27 14.18
C PRO A 46 -22.47 -4.88 14.70
N GLY A 47 -22.44 -4.17 15.82
CA GLY A 47 -21.18 -3.73 16.42
C GLY A 47 -20.54 -2.57 15.69
N GLY A 48 -21.21 -1.99 14.70
CA GLY A 48 -20.76 -0.78 14.01
C GLY A 48 -21.25 0.42 14.82
N PHE A 49 -20.88 0.37 16.10
CA PHE A 49 -21.18 1.43 17.03
C PHE A 49 -19.98 2.27 17.38
N TRP A 50 -20.23 3.56 17.53
CA TRP A 50 -19.27 4.49 18.13
C TRP A 50 -20.02 5.18 19.26
N ARG A 51 -19.54 5.04 20.49
CA ARG A 51 -20.35 5.39 21.66
C ARG A 51 -21.72 4.75 21.46
N LYS A 52 -22.80 5.45 21.72
CA LYS A 52 -24.12 4.79 21.59
C LYS A 52 -24.66 4.73 20.17
N TRP A 53 -23.94 5.34 19.23
CA TRP A 53 -24.54 5.71 17.97
C TRP A 53 -24.00 4.91 16.85
N GLN A 54 -24.78 4.88 15.78
CA GLN A 54 -24.37 4.29 14.53
C GLN A 54 -24.24 5.39 13.53
N ALA A 55 -23.67 5.07 12.38
CA ALA A 55 -23.42 6.10 11.37
C ALA A 55 -24.68 6.82 10.92
N GLN A 56 -25.79 6.10 10.76
CA GLN A 56 -27.09 6.71 10.40
C GLN A 56 -27.45 7.86 11.33
N ASP A 57 -27.13 7.73 12.61
CA ASP A 57 -27.56 8.72 13.58
C ASP A 57 -26.74 10.02 13.43
N LEU A 58 -25.53 9.87 12.92
CA LEU A 58 -24.59 10.98 13.08
C LEU A 58 -24.29 11.68 11.78
N ALA A 59 -24.31 10.95 10.69
CA ALA A 59 -23.96 11.50 9.38
C ALA A 59 -25.22 12.09 8.73
N THR A 60 -25.73 13.13 9.36
CA THR A 60 -26.90 13.86 8.90
C THR A 60 -26.77 15.33 9.27
N PRO A 61 -27.35 16.21 8.46
CA PRO A 61 -27.34 17.65 8.78
C PRO A 61 -28.10 18.00 10.08
N GLU A 62 -29.06 17.16 10.46
CA GLU A 62 -29.82 17.36 11.69
C GLU A 62 -28.92 17.10 12.91
N ALA A 63 -28.10 16.07 12.84
CA ALA A 63 -27.15 15.83 13.94
C ALA A 63 -26.17 17.03 14.03
N PHE A 64 -25.66 17.46 12.89
CA PHE A 64 -24.68 18.54 12.90
C PHE A 64 -25.29 19.86 13.38
N SER A 65 -26.53 20.12 13.03
CA SER A 65 -27.18 21.35 13.43
C SER A 65 -27.40 21.37 14.93
N ARG A 66 -27.74 20.21 15.49
CA ARG A 66 -28.17 20.10 16.90
C ARG A 66 -27.03 19.84 17.87
N ASP A 67 -25.98 19.21 17.36
CA ASP A 67 -24.85 18.89 18.21
C ASP A 67 -23.59 18.78 17.38
N PRO A 68 -23.12 19.93 16.87
CA PRO A 68 -21.95 19.88 16.00
C PRO A 68 -20.70 19.36 16.73
N SER A 69 -20.58 19.61 18.02
CA SER A 69 -19.42 19.09 18.77
C SER A 69 -19.40 17.56 18.73
N LEU A 70 -20.56 16.95 18.93
CA LEU A 70 -20.64 15.48 18.94
C LEU A 70 -20.28 14.91 17.56
N VAL A 71 -20.78 15.53 16.51
CA VAL A 71 -20.53 15.06 15.14
C VAL A 71 -19.04 15.27 14.82
N TRP A 72 -18.47 16.39 15.24
CA TRP A 72 -17.03 16.59 15.02
C TRP A 72 -16.17 15.63 15.84
N GLU A 73 -16.58 15.26 17.06
CA GLU A 73 -15.86 14.25 17.82
C GLU A 73 -15.78 12.94 17.07
N PHE A 74 -16.91 12.55 16.48
CA PHE A 74 -17.05 11.33 15.68
C PHE A 74 -16.14 11.38 14.46
N TYR A 75 -16.20 12.47 13.70
CA TYR A 75 -15.33 12.59 12.52
C TYR A 75 -13.85 12.71 12.90
N HIS A 76 -13.57 13.34 14.03
CA HIS A 76 -12.17 13.45 14.50
C HIS A 76 -11.63 12.06 14.82
N TYR A 77 -12.41 11.27 15.56
CA TYR A 77 -12.03 9.89 15.82
C TYR A 77 -11.73 9.19 14.51
N ARG A 78 -12.60 9.28 13.52
CA ARG A 78 -12.37 8.61 12.23
C ARG A 78 -11.11 9.09 11.50
N ARG A 79 -10.90 10.41 11.46
CA ARG A 79 -9.69 10.95 10.90
C ARG A 79 -8.44 10.37 11.61
N GLU A 80 -8.49 10.33 12.94
CA GLU A 80 -7.35 9.88 13.73
C GLU A 80 -7.05 8.43 13.53
N VAL A 81 -8.10 7.61 13.45
CA VAL A 81 -7.94 6.19 13.23
C VAL A 81 -7.35 5.90 11.88
N MET A 82 -7.47 6.74 10.86
CA MET A 82 -6.85 6.50 9.55
C MET A 82 -5.33 6.42 9.56
N ARG A 83 -4.69 7.08 10.50
CA ARG A 83 -3.22 7.10 10.54
C ARG A 83 -2.64 5.69 10.57
N SER A 84 -3.27 4.77 11.29
CA SER A 84 -2.73 3.38 11.43
C SER A 84 -3.32 2.41 10.40
N LYS A 85 -4.38 2.83 9.76
CA LYS A 85 -4.97 1.97 8.73
C LYS A 85 -4.27 2.25 7.42
N MET A 86 -3.94 1.19 6.66
CA MET A 86 -3.10 1.31 5.49
C MET A 86 -3.80 0.72 4.28
N PRO A 87 -3.50 1.25 3.08
CA PRO A 87 -4.05 0.63 1.88
C PRO A 87 -3.64 -0.83 1.78
N ASN A 88 -4.56 -1.63 1.23
CA ASN A 88 -4.38 -3.05 1.12
C ASN A 88 -4.02 -3.43 -0.29
N PRO A 89 -3.75 -4.73 -0.50
CA PRO A 89 -3.31 -5.19 -1.79
C PRO A 89 -4.27 -4.88 -2.93
N ALA A 90 -5.57 -4.82 -2.67
CA ALA A 90 -6.54 -4.42 -3.68
C ALA A 90 -6.33 -2.98 -4.10
N HIS A 91 -6.22 -2.07 -3.13
CA HIS A 91 -5.96 -0.66 -3.49
C HIS A 91 -4.67 -0.55 -4.29
N LEU A 92 -3.65 -1.29 -3.84
CA LEU A 92 -2.36 -1.17 -4.51
C LEU A 92 -2.39 -1.71 -5.93
N ALA A 93 -3.03 -2.85 -6.12
CA ALA A 93 -3.14 -3.44 -7.46
C ALA A 93 -3.83 -2.46 -8.40
N ILE A 94 -4.89 -1.84 -7.90
CA ILE A 94 -5.65 -0.86 -8.69
C ILE A 94 -4.82 0.32 -9.07
N ALA A 95 -4.04 0.86 -8.13
CA ALA A 95 -3.17 1.99 -8.42
C ALA A 95 -2.05 1.64 -9.39
N GLU A 96 -1.43 0.47 -9.21
CA GLU A 96 -0.32 0.16 -10.08
C GLU A 96 -0.81 -0.19 -11.49
N CYS A 97 -1.98 -0.81 -11.56
CA CYS A 97 -2.65 -1.08 -12.83
C CYS A 97 -2.87 0.23 -13.58
N GLU A 98 -3.44 1.22 -12.92
CA GLU A 98 -3.67 2.54 -13.53
C GLU A 98 -2.37 3.09 -14.08
N ALA A 99 -1.29 3.03 -13.28
CA ALA A 99 -0.02 3.62 -13.75
C ALA A 99 0.49 2.89 -14.98
N ARG A 100 0.50 1.57 -14.91
CA ARG A 100 1.03 0.73 -15.99
C ARG A 100 0.23 0.92 -17.29
N LEU A 101 -1.09 0.86 -17.17
CA LEU A 101 -1.94 0.99 -18.35
C LEU A 101 -1.87 2.40 -18.91
N GLY A 102 -1.75 3.41 -18.05
CA GLY A 102 -1.66 4.81 -18.51
C GLY A 102 -0.50 5.06 -19.44
N GLN A 103 0.62 4.41 -19.14
CA GLN A 103 1.79 4.48 -20.00
C GLN A 103 1.58 3.89 -21.38
N GLN A 104 0.61 2.96 -21.49
CA GLN A 104 0.23 2.33 -22.75
C GLN A 104 -0.93 3.07 -23.43
N GLY A 105 -1.32 4.23 -22.91
CA GLY A 105 -2.46 4.95 -23.46
C GLY A 105 -3.81 4.35 -23.11
N ARG A 106 -3.88 3.53 -22.06
CA ARG A 106 -5.13 2.91 -21.66
C ARG A 106 -5.58 3.53 -20.36
N SER A 107 -6.89 3.83 -20.24
CA SER A 107 -7.36 4.60 -19.09
C SER A 107 -7.98 3.70 -18.04
N VAL A 108 -7.66 3.99 -16.79
CA VAL A 108 -8.32 3.37 -15.61
C VAL A 108 -8.82 4.48 -14.72
N VAL A 109 -10.10 4.45 -14.34
CA VAL A 109 -10.70 5.44 -13.44
C VAL A 109 -11.37 4.74 -12.29
N ILE A 110 -11.28 5.33 -11.11
CA ILE A 110 -11.93 4.81 -9.93
C ILE A 110 -13.10 5.70 -9.53
N ILE A 111 -14.24 5.08 -9.31
CA ILE A 111 -15.44 5.75 -8.78
C ILE A 111 -15.66 5.11 -7.42
N THR A 112 -15.37 5.85 -6.36
CA THR A 112 -15.44 5.24 -5.03
C THR A 112 -16.53 5.83 -4.16
N GLN A 113 -17.24 4.93 -3.44
CA GLN A 113 -18.14 5.39 -2.38
C GLN A 113 -17.34 5.80 -1.09
N ASN A 114 -16.07 5.42 -1.00
CA ASN A 114 -15.34 5.49 0.27
C ASN A 114 -14.76 6.85 0.50
N ILE A 115 -14.79 7.29 1.75
CA ILE A 115 -14.32 8.62 2.15
C ILE A 115 -12.97 8.58 2.88
N ASP A 116 -12.35 7.39 2.91
CA ASP A 116 -11.10 7.20 3.68
C ASP A 116 -9.81 7.69 2.97
N GLU A 117 -9.88 8.09 1.72
CA GLU A 117 -8.70 8.48 0.91
C GLU A 117 -7.67 7.37 0.69
N LEU A 118 -8.00 6.13 1.04
CA LEU A 118 -7.04 5.02 0.86
C LEU A 118 -6.60 4.78 -0.58
N HIS A 119 -7.49 5.05 -1.50
CA HIS A 119 -7.13 4.93 -2.93
C HIS A 119 -6.05 5.93 -3.25
N HIS A 120 -6.15 7.13 -2.70
CA HIS A 120 -5.14 8.17 -2.98
C HIS A 120 -3.80 7.78 -2.34
N ARG A 121 -3.85 7.27 -1.11
CA ARG A 121 -2.65 6.84 -0.42
C ARG A 121 -1.98 5.69 -1.17
N ALA A 122 -2.78 4.88 -1.85
CA ALA A 122 -2.26 3.76 -2.65
C ALA A 122 -1.53 4.20 -3.92
N GLY A 123 -1.81 5.40 -4.40
CA GLY A 123 -1.22 5.94 -5.64
C GLY A 123 -2.18 6.22 -6.79
N SER A 124 -3.48 6.02 -6.59
CA SER A 124 -4.43 6.23 -7.68
C SER A 124 -4.54 7.73 -7.92
N LYS A 125 -4.56 8.10 -9.20
CA LYS A 125 -4.73 9.49 -9.57
C LYS A 125 -6.15 9.84 -9.99
N HIS A 126 -6.71 9.01 -10.86
CA HIS A 126 -8.01 9.34 -11.44
CA HIS A 126 -8.01 9.36 -11.43
C HIS A 126 -9.09 8.76 -10.55
N VAL A 127 -9.46 9.50 -9.51
CA VAL A 127 -10.41 9.02 -8.51
C VAL A 127 -11.54 10.02 -8.33
N TYR A 128 -12.77 9.53 -8.40
CA TYR A 128 -13.98 10.34 -8.15
C TYR A 128 -14.57 9.89 -6.84
N GLU A 129 -14.52 10.78 -5.85
CA GLU A 129 -15.00 10.48 -4.51
C GLU A 129 -16.45 10.95 -4.40
N ILE A 130 -17.37 10.05 -4.71
CA ILE A 130 -18.77 10.46 -4.87
C ILE A 130 -19.46 10.79 -3.55
N HIS A 131 -18.87 10.40 -2.43
CA HIS A 131 -19.46 10.72 -1.11
C HIS A 131 -18.56 11.68 -0.33
N GLY A 132 -17.58 12.26 -1.01
CA GLY A 132 -16.66 13.16 -0.31
C GLY A 132 -15.45 12.50 0.30
N SER A 133 -14.85 13.17 1.27
CA SER A 133 -13.61 12.71 1.88
C SER A 133 -13.51 13.17 3.32
N LEU A 134 -13.03 12.29 4.20
CA LEU A 134 -12.79 12.62 5.62
C LEU A 134 -11.77 13.74 5.79
N PHE A 135 -10.95 13.92 4.74
CA PHE A 135 -9.83 14.86 4.79
C PHE A 135 -10.04 16.07 3.90
N LYS A 136 -11.31 16.42 3.74
CA LYS A 136 -11.70 17.70 3.21
C LYS A 136 -12.76 18.31 4.12
N THR A 137 -12.72 19.63 4.19
CA THR A 137 -13.74 20.39 4.87
C THR A 137 -14.54 21.21 3.87
N ARG A 138 -15.75 21.59 4.27
CA ARG A 138 -16.51 22.60 3.56
C ARG A 138 -16.96 23.68 4.54
N CYS A 139 -16.78 24.94 4.16
CA CYS A 139 -17.24 26.03 5.01
C CYS A 139 -18.74 26.22 4.88
N MET A 140 -19.41 26.22 6.03
CA MET A 140 -20.85 26.41 6.10
C MET A 140 -21.32 27.80 5.71
N SER A 141 -20.39 28.75 5.73
CA SER A 141 -20.65 30.15 5.34
C SER A 141 -20.34 30.51 3.88
N CYS A 142 -19.08 30.33 3.45
CA CYS A 142 -18.65 30.73 2.11
C CYS A 142 -18.57 29.56 1.15
N GLY A 143 -18.73 28.32 1.62
CA GLY A 143 -18.79 27.15 0.75
C GLY A 143 -17.46 26.57 0.28
N GLU A 144 -16.35 27.14 0.72
CA GLU A 144 -15.05 26.75 0.21
C GLU A 144 -14.70 25.35 0.69
N VAL A 145 -14.14 24.56 -0.24
CA VAL A 145 -13.78 23.18 0.04
C VAL A 145 -12.27 23.13 0.08
N LYS A 146 -11.71 22.50 1.10
CA LYS A 146 -10.28 22.58 1.36
C LYS A 146 -9.79 21.25 1.90
N ALA A 147 -8.61 20.85 1.43
CA ALA A 147 -7.98 19.66 1.95
C ALA A 147 -7.51 19.91 3.37
N ASN A 148 -7.64 18.91 4.22
CA ASN A 148 -7.18 19.05 5.59
C ASN A 148 -6.85 17.72 6.25
N HIS A 149 -5.57 17.53 6.54
CA HIS A 149 -5.07 16.29 7.09
C HIS A 149 -4.49 16.51 8.48
N LYS A 150 -4.77 17.68 9.08
CA LYS A 150 -4.13 18.00 10.35
C LYS A 150 -4.54 17.06 11.46
N SER A 151 -3.59 16.65 12.32
CA SER A 151 -3.87 15.87 13.52
C SER A 151 -3.39 16.64 14.73
N PRO A 152 -4.29 17.16 15.58
CA PRO A 152 -5.75 17.19 15.49
C PRO A 152 -6.21 18.34 14.60
N ILE A 153 -7.38 18.18 13.98
CA ILE A 153 -7.87 19.23 13.06
C ILE A 153 -7.96 20.63 13.69
N CYS A 154 -8.32 20.71 14.98
CA CYS A 154 -8.22 21.94 15.72
C CYS A 154 -7.82 21.59 17.15
N PRO A 155 -7.18 22.55 17.84
CA PRO A 155 -6.63 22.23 19.15
C PRO A 155 -7.67 21.75 20.16
N ALA A 156 -8.89 22.27 20.12
CA ALA A 156 -9.90 21.90 21.08
C ALA A 156 -10.32 20.43 20.98
N LEU A 157 -10.09 19.83 19.81
CA LEU A 157 -10.42 18.42 19.61
C LEU A 157 -9.29 17.48 19.96
N ASP A 158 -8.16 18.02 20.41
CA ASP A 158 -7.01 17.17 20.75
C ASP A 158 -7.36 16.17 21.85
N GLY A 159 -7.15 14.89 21.56
CA GLY A 159 -7.45 13.86 22.53
C GLY A 159 -8.93 13.50 22.74
N LYS A 160 -9.79 14.08 21.89
CA LYS A 160 -11.23 13.81 21.95
C LYS A 160 -11.64 12.69 20.97
N GLY A 161 -12.92 12.36 20.99
CA GLY A 161 -13.49 11.35 20.11
C GLY A 161 -13.42 9.91 20.57
N ALA A 162 -13.17 9.65 21.84
CA ALA A 162 -13.11 8.26 22.31
C ALA A 162 -14.42 7.53 21.97
N PRO A 163 -14.32 6.28 21.52
CA PRO A 163 -15.47 5.52 21.05
C PRO A 163 -16.23 4.74 22.13
N ASP A 164 -15.72 4.69 23.35
CA ASP A 164 -16.37 3.97 24.41
C ASP A 164 -17.76 4.54 24.78
N PRO A 165 -18.77 3.68 24.90
CA PRO A 165 -20.07 4.10 25.39
C PRO A 165 -20.12 5.12 26.51
N ASN A 166 -19.31 4.98 27.56
CA ASN A 166 -19.33 5.84 28.74
C ASN A 166 -18.33 7.00 28.70
N THR A 167 -17.81 7.31 27.53
CA THR A 167 -17.02 8.50 27.36
C THR A 167 -17.90 9.72 27.57
N LYS A 168 -17.37 10.70 28.31
CA LYS A 168 -18.00 12.03 28.44
C LYS A 168 -17.91 12.84 27.16
N GLU A 169 -18.95 13.61 26.86
CA GLU A 169 -18.92 14.48 25.71
C GLU A 169 -17.96 15.63 25.93
N ALA A 170 -17.23 16.01 24.88
CA ALA A 170 -16.31 17.15 24.95
C ALA A 170 -17.09 18.47 25.04
N ARG A 171 -18.29 18.52 24.45
CA ARG A 171 -19.16 19.72 24.49
C ARG A 171 -18.43 21.03 24.19
N ILE A 172 -17.77 21.01 23.05
CA ILE A 172 -16.89 22.08 22.62
C ILE A 172 -17.73 23.25 22.10
N PRO A 173 -17.52 24.48 22.62
CA PRO A 173 -18.27 25.60 22.11
C PRO A 173 -18.06 25.75 20.63
N VAL A 174 -19.12 26.11 19.92
CA VAL A 174 -19.06 26.09 18.47
C VAL A 174 -17.95 26.99 17.90
N GLU A 175 -17.61 28.06 18.62
CA GLU A 175 -16.60 28.98 18.19
C GLU A 175 -15.23 28.31 18.11
N LEU A 176 -15.05 27.21 18.86
CA LEU A 176 -13.75 26.56 18.91
C LEU A 176 -13.70 25.25 18.13
N LEU A 177 -14.78 24.91 17.45
CA LEU A 177 -14.73 23.85 16.45
C LEU A 177 -13.98 24.37 15.21
N PRO A 178 -13.66 23.51 14.22
CA PRO A 178 -12.86 24.00 13.10
C PRO A 178 -13.55 25.12 12.38
N ARG A 179 -12.81 26.22 12.20
CA ARG A 179 -13.32 27.42 11.57
C ARG A 179 -12.56 27.77 10.31
N CYS A 180 -13.27 28.46 9.42
CA CYS A 180 -12.73 28.84 8.11
C CYS A 180 -11.70 29.96 8.21
N GLU A 181 -10.63 29.80 7.47
CA GLU A 181 -9.44 30.59 7.65
C GLU A 181 -9.32 31.72 6.68
N ARG A 182 -10.31 31.91 5.79
CA ARG A 182 -10.39 33.17 5.00
C ARG A 182 -10.71 34.29 6.00
N LYS A 183 -9.84 35.29 6.11
CA LYS A 183 -9.78 36.16 7.31
C LYS A 183 -11.16 36.83 7.53
N SER A 184 -11.78 37.21 6.42
CA SER A 184 -13.07 37.88 6.50
C SER A 184 -14.20 36.98 7.01
N CYS A 185 -14.08 35.69 6.77
CA CYS A 185 -15.25 34.78 6.81
C CYS A 185 -15.43 34.22 8.21
N ASN A 186 -14.47 33.37 8.60
CA ASN A 186 -14.52 32.61 9.89
C ASN A 186 -15.64 31.60 10.14
N GLY A 187 -16.29 31.14 9.07
CA GLY A 187 -17.44 30.24 9.18
C GLY A 187 -17.13 28.90 9.81
N LEU A 188 -18.15 28.24 10.36
CA LEU A 188 -17.97 26.89 10.90
C LEU A 188 -17.71 25.90 9.78
N LEU A 189 -16.65 25.10 9.89
CA LEU A 189 -16.39 24.06 8.89
C LEU A 189 -17.17 22.81 9.22
N ARG A 190 -17.58 22.09 8.17
CA ARG A 190 -18.11 20.73 8.33
C ARG A 190 -17.27 19.78 7.52
N PRO A 191 -17.31 18.47 7.83
CA PRO A 191 -16.68 17.51 6.90
C PRO A 191 -17.29 17.61 5.51
N HIS A 192 -16.47 17.54 4.45
CA HIS A 192 -16.97 17.52 3.09
C HIS A 192 -17.28 16.08 2.74
N VAL A 193 -18.28 15.53 3.41
CA VAL A 193 -18.78 14.19 3.19
C VAL A 193 -20.27 14.29 2.93
N VAL A 194 -20.77 13.46 2.01
CA VAL A 194 -22.20 13.46 1.74
C VAL A 194 -22.92 12.70 2.84
N TRP A 195 -23.87 13.38 3.48
CA TRP A 195 -24.62 12.80 4.55
C TRP A 195 -25.99 12.26 4.10
N PHE A 196 -26.55 11.39 4.97
CA PHE A 196 -27.87 10.79 4.73
C PHE A 196 -28.88 11.93 4.63
N GLY A 197 -29.68 11.91 3.58
CA GLY A 197 -30.57 13.02 3.26
C GLY A 197 -30.00 14.12 2.37
N GLU A 198 -28.76 13.99 1.89
CA GLU A 198 -28.19 15.01 1.00
C GLU A 198 -28.00 14.46 -0.42
N THR A 199 -27.91 15.35 -1.42
CA THR A 199 -27.71 14.94 -2.78
C THR A 199 -26.26 14.76 -3.11
N LEU A 200 -25.97 13.77 -3.94
CA LEU A 200 -24.66 13.63 -4.54
C LEU A 200 -24.40 14.81 -5.46
N ASP A 201 -23.13 15.19 -5.65
CA ASP A 201 -22.81 16.40 -6.40
C ASP A 201 -23.15 16.16 -7.88
N SER A 202 -23.94 17.06 -8.46
CA SER A 202 -24.33 16.88 -9.86
C SER A 202 -23.19 16.85 -10.88
N ASP A 203 -22.17 17.69 -10.68
CA ASP A 203 -21.02 17.79 -11.55
C ASP A 203 -20.25 16.52 -11.50
N ILE A 204 -20.15 15.93 -10.29
CA ILE A 204 -19.39 14.68 -10.18
C ILE A 204 -20.11 13.58 -10.96
N LEU A 205 -21.43 13.52 -10.77
CA LEU A 205 -22.24 12.52 -11.47
C LEU A 205 -22.17 12.68 -12.97
N THR A 206 -22.14 13.92 -13.45
CA THR A 206 -21.96 14.08 -14.91
C THR A 206 -20.64 13.54 -15.41
N ALA A 207 -19.56 13.77 -14.64
CA ALA A 207 -18.26 13.27 -15.02
C ALA A 207 -18.23 11.73 -14.99
N VAL A 208 -18.81 11.18 -13.94
CA VAL A 208 -18.92 9.74 -13.82
C VAL A 208 -19.71 9.20 -15.02
N GLU A 209 -20.79 9.83 -15.42
CA GLU A 209 -21.61 9.28 -16.51
C GLU A 209 -20.79 9.25 -17.81
N ARG A 210 -20.02 10.31 -18.05
CA ARG A 210 -19.16 10.35 -19.24
C ARG A 210 -18.11 9.20 -19.22
N GLU A 211 -17.49 8.97 -18.07
CA GLU A 211 -16.51 7.90 -17.97
C GLU A 211 -17.18 6.54 -18.19
N LEU A 212 -18.33 6.32 -17.57
CA LEU A 212 -19.00 5.03 -17.69
C LEU A 212 -19.44 4.79 -19.11
N GLU A 213 -19.85 5.85 -19.81
CA GLU A 213 -20.33 5.70 -21.19
C GLU A 213 -19.18 5.38 -22.16
N LYS A 214 -17.96 5.79 -21.80
CA LYS A 214 -16.78 5.58 -22.64
C LYS A 214 -16.00 4.27 -22.32
N CYS A 215 -16.19 3.78 -21.12
CA CYS A 215 -15.55 2.59 -20.67
C CYS A 215 -15.90 1.33 -21.48
N ASP A 216 -14.98 0.36 -21.59
CA ASP A 216 -15.27 -0.90 -22.27
C ASP A 216 -15.01 -2.09 -21.38
N LEU A 217 -14.88 -1.84 -20.08
CA LEU A 217 -14.87 -2.92 -19.10
C LEU A 217 -15.06 -2.26 -17.75
N CYS A 218 -15.89 -2.84 -16.91
CA CYS A 218 -16.20 -2.20 -15.65
C CYS A 218 -16.08 -3.25 -14.52
N LEU A 219 -15.41 -2.85 -13.43
CA LEU A 219 -15.18 -3.72 -12.29
C LEU A 219 -15.92 -3.11 -11.12
N VAL A 220 -16.50 -3.96 -10.30
CA VAL A 220 -17.21 -3.53 -9.13
C VAL A 220 -16.58 -4.24 -7.96
N VAL A 221 -15.88 -3.48 -7.11
CA VAL A 221 -15.08 -4.05 -6.05
C VAL A 221 -15.58 -3.71 -4.64
N GLY A 222 -15.76 -4.73 -3.80
CA GLY A 222 -16.20 -4.46 -2.40
C GLY A 222 -17.57 -3.76 -2.29
N THR A 223 -18.43 -4.17 -3.20
CA THR A 223 -19.86 -3.91 -3.21
C THR A 223 -20.47 -4.76 -4.37
N SER A 224 -21.76 -4.56 -4.58
CA SER A 224 -22.51 -5.29 -5.61
C SER A 224 -23.14 -4.39 -6.68
N SER A 225 -23.18 -4.87 -7.91
CA SER A 225 -23.83 -4.13 -9.01
C SER A 225 -25.27 -3.83 -8.71
N ILE A 226 -25.95 -4.66 -7.90
CA ILE A 226 -27.41 -4.70 -7.75
C ILE A 226 -27.93 -3.63 -6.77
N VAL A 227 -27.13 -3.35 -5.77
CA VAL A 227 -27.37 -2.20 -4.90
C VAL A 227 -26.60 -0.95 -5.33
N TYR A 228 -26.76 0.09 -4.50
CA TYR A 228 -26.18 1.44 -4.70
C TYR A 228 -24.75 1.49 -4.18
N PRO A 229 -23.90 2.32 -4.79
CA PRO A 229 -24.14 3.22 -5.90
C PRO A 229 -24.04 2.55 -7.26
N ALA A 230 -23.51 1.32 -7.30
CA ALA A 230 -23.30 0.66 -8.60
C ALA A 230 -24.60 0.61 -9.45
N ALA A 231 -25.72 0.41 -8.78
CA ALA A 231 -27.01 0.29 -9.44
C ALA A 231 -27.38 1.50 -10.23
N MET A 232 -26.75 2.65 -9.98
CA MET A 232 -27.04 3.90 -10.73
C MET A 232 -26.45 3.95 -12.13
N PHE A 233 -25.35 3.22 -12.27
CA PHE A 233 -24.61 3.28 -13.50
C PHE A 233 -24.39 1.95 -14.21
N ALA A 234 -24.38 0.85 -13.46
CA ALA A 234 -23.98 -0.42 -14.00
C ALA A 234 -24.92 -0.89 -15.08
N PRO A 235 -26.25 -0.72 -14.93
CA PRO A 235 -27.15 -1.08 -16.04
C PRO A 235 -26.82 -0.37 -17.35
N GLN A 236 -26.43 0.91 -17.27
CA GLN A 236 -26.06 1.65 -18.50
C GLN A 236 -24.88 0.97 -19.18
N VAL A 237 -23.91 0.57 -18.38
CA VAL A 237 -22.73 -0.09 -18.94
C VAL A 237 -23.10 -1.45 -19.56
N ALA A 238 -23.85 -2.24 -18.81
CA ALA A 238 -24.26 -3.57 -19.27
C ALA A 238 -25.03 -3.49 -20.57
N SER A 239 -25.91 -2.48 -20.69
CA SER A 239 -26.75 -2.37 -21.88
C SER A 239 -25.98 -1.91 -23.13
N ARG A 240 -24.73 -1.46 -22.97
CA ARG A 240 -23.83 -1.22 -24.13
C ARG A 240 -23.12 -2.49 -24.54
N GLY A 241 -23.39 -3.57 -23.81
CA GLY A 241 -22.78 -4.89 -24.04
C GLY A 241 -21.43 -5.07 -23.38
N VAL A 242 -21.14 -4.26 -22.38
CA VAL A 242 -19.81 -4.19 -21.81
C VAL A 242 -19.71 -5.16 -20.63
N PRO A 243 -18.60 -5.90 -20.53
CA PRO A 243 -18.55 -6.81 -19.42
C PRO A 243 -18.40 -6.10 -18.08
N VAL A 244 -19.07 -6.66 -17.08
CA VAL A 244 -18.96 -6.24 -15.68
C VAL A 244 -18.41 -7.39 -14.84
N ALA A 245 -17.44 -7.09 -13.99
CA ALA A 245 -16.82 -8.10 -13.14
C ALA A 245 -16.91 -7.67 -11.70
N GLU A 246 -17.58 -8.46 -10.87
CA GLU A 246 -17.70 -8.15 -9.46
C GLU A 246 -16.64 -8.87 -8.64
N PHE A 247 -15.95 -8.14 -7.76
CA PHE A 247 -15.06 -8.77 -6.75
C PHE A 247 -15.60 -8.44 -5.40
N ASN A 248 -16.20 -9.42 -4.72
CA ASN A 248 -16.72 -9.17 -3.40
C ASN A 248 -16.86 -10.47 -2.66
N MET A 249 -17.02 -10.34 -1.35
CA MET A 249 -17.11 -11.50 -0.51
C MET A 249 -18.52 -12.09 -0.58
N GLU A 250 -19.46 -11.44 -1.27
CA GLU A 250 -20.84 -11.92 -1.37
C GLU A 250 -20.96 -13.21 -2.20
N CYS A 251 -21.87 -14.08 -1.82
CA CYS A 251 -22.06 -15.30 -2.58
C CYS A 251 -22.94 -15.06 -3.81
N THR A 252 -22.90 -15.99 -4.74
CA THR A 252 -23.90 -16.07 -5.85
C THR A 252 -24.45 -17.49 -5.82
N PRO A 253 -25.75 -17.71 -6.17
CA PRO A 253 -26.23 -19.09 -6.32
C PRO A 253 -25.57 -19.80 -7.52
N ALA A 254 -26.21 -20.85 -8.00
CA ALA A 254 -25.93 -21.38 -9.36
C ALA A 254 -26.56 -20.59 -10.59
N THR A 255 -25.86 -19.55 -11.01
CA THR A 255 -26.39 -18.59 -11.98
C THR A 255 -25.24 -18.04 -12.79
N LYS A 259 -21.85 -11.88 -17.24
CA LYS A 259 -20.89 -11.12 -16.45
C LYS A 259 -20.14 -12.05 -15.48
N TYR A 260 -19.22 -11.51 -14.68
CA TYR A 260 -18.29 -12.34 -13.88
C TYR A 260 -18.35 -11.96 -12.40
N HIS A 261 -18.17 -12.96 -11.54
CA HIS A 261 -18.18 -12.78 -10.11
C HIS A 261 -17.07 -13.59 -9.52
N PHE A 262 -16.16 -12.91 -8.83
CA PHE A 262 -15.02 -13.52 -8.13
C PHE A 262 -15.24 -13.34 -6.65
N GLU A 263 -15.60 -14.43 -6.01
CA GLU A 263 -15.95 -14.43 -4.60
C GLU A 263 -14.71 -14.49 -3.73
N GLY A 264 -14.66 -13.55 -2.78
CA GLY A 264 -13.62 -13.56 -1.76
C GLY A 264 -13.11 -12.17 -1.44
N PRO A 265 -12.15 -12.09 -0.52
CA PRO A 265 -11.62 -10.77 -0.17
C PRO A 265 -10.86 -10.18 -1.36
N CYS A 266 -11.14 -8.93 -1.67
CA CYS A 266 -10.59 -8.30 -2.85
C CYS A 266 -9.08 -8.18 -2.86
N GLY A 267 -8.49 -8.12 -1.66
CA GLY A 267 -7.03 -8.06 -1.55
C GLY A 267 -6.38 -9.38 -1.95
N SER A 268 -7.15 -10.47 -1.99
CA SER A 268 -6.67 -11.74 -2.54
C SER A 268 -7.00 -11.87 -4.03
N THR A 269 -8.22 -11.55 -4.43
CA THR A 269 -8.66 -11.87 -5.78
C THR A 269 -8.10 -10.85 -6.84
N LEU A 270 -8.10 -9.60 -6.40
CA LEU A 270 -7.94 -8.55 -7.37
C LEU A 270 -6.50 -8.44 -7.89
N PRO A 271 -5.47 -8.57 -7.01
CA PRO A 271 -4.14 -8.45 -7.55
C PRO A 271 -3.87 -9.53 -8.62
N PRO A 272 -4.42 -10.76 -8.42
CA PRO A 272 -4.24 -11.78 -9.49
C PRO A 272 -4.96 -11.40 -10.77
N ALA A 273 -6.20 -10.94 -10.67
CA ALA A 273 -6.97 -10.53 -11.84
C ALA A 273 -6.35 -9.37 -12.64
N LEU A 274 -5.76 -8.40 -11.93
CA LEU A 274 -5.27 -7.17 -12.53
C LEU A 274 -3.79 -7.17 -12.92
N GLU A 275 -3.08 -8.28 -12.66
CA GLU A 275 -1.60 -8.30 -12.86
C GLU A 275 -1.13 -8.17 -14.30
N SER B 10 10.85 -3.29 26.70
CA SER B 10 9.88 -4.39 26.90
C SER B 10 8.93 -4.35 25.71
N SER B 11 7.63 -4.48 25.96
CA SER B 11 6.65 -4.31 24.92
C SER B 11 5.82 -3.07 25.20
N ASP B 12 6.41 -2.08 25.88
CA ASP B 12 5.66 -0.88 26.22
C ASP B 12 5.60 0.11 25.05
N LEU B 13 4.47 0.10 24.35
CA LEU B 13 4.28 0.95 23.18
C LEU B 13 4.34 2.43 23.56
N THR B 14 3.79 2.80 24.72
CA THR B 14 3.82 4.21 25.13
C THR B 14 5.28 4.67 25.34
N ALA B 15 6.13 3.83 25.93
CA ALA B 15 7.52 4.23 26.14
C ALA B 15 8.23 4.33 24.80
N PHE B 16 7.94 3.40 23.89
CA PHE B 16 8.54 3.50 22.55
C PHE B 16 8.09 4.80 21.89
N ARG B 17 6.81 5.11 21.98
CA ARG B 17 6.30 6.29 21.29
C ARG B 17 6.86 7.57 21.84
N GLU B 18 7.22 7.59 23.13
CA GLU B 18 7.93 8.76 23.68
C GLU B 18 9.28 8.98 22.99
N HIS B 19 10.02 7.91 22.69
CA HIS B 19 11.24 8.04 21.90
C HIS B 19 10.94 8.43 20.49
N PHE B 20 9.93 7.80 19.90
CA PHE B 20 9.56 8.14 18.53
C PHE B 20 9.24 9.65 18.33
N ALA B 21 8.50 10.22 19.29
CA ALA B 21 8.10 11.63 19.20
C ALA B 21 9.29 12.58 19.13
N LYS B 22 10.43 12.19 19.70
CA LYS B 22 11.61 13.08 19.84
C LYS B 22 12.70 12.76 18.84
N ALA B 23 12.61 11.59 18.21
CA ALA B 23 13.69 11.16 17.32
C ALA B 23 13.78 12.08 16.09
N LYS B 24 14.99 12.61 15.81
CA LYS B 24 15.22 13.39 14.58
C LYS B 24 15.78 12.57 13.42
N HIS B 25 16.26 11.35 13.69
CA HIS B 25 16.91 10.54 12.64
C HIS B 25 16.70 9.07 12.95
N ILE B 26 15.77 8.46 12.23
CA ILE B 26 15.36 7.08 12.50
C ILE B 26 15.93 6.21 11.43
N ALA B 27 16.59 5.13 11.83
CA ALA B 27 17.10 4.15 10.89
C ALA B 27 16.24 2.92 11.03
N ILE B 28 15.66 2.48 9.92
CA ILE B 28 14.82 1.30 9.93
C ILE B 28 15.52 0.23 9.10
N ILE B 29 15.89 -0.88 9.74
CA ILE B 29 16.52 -2.01 9.05
C ILE B 29 15.40 -3.03 8.80
N THR B 30 15.29 -3.52 7.58
CA THR B 30 14.25 -4.51 7.26
C THR B 30 14.83 -5.78 6.65
N GLY B 31 14.30 -6.93 7.11
CA GLY B 31 14.69 -8.23 6.63
C GLY B 31 13.54 -8.96 5.99
N ALA B 32 13.76 -10.25 5.82
CA ALA B 32 12.89 -11.04 4.98
C ALA B 32 11.48 -11.15 5.52
N GLY B 33 11.27 -10.95 6.82
CA GLY B 33 9.89 -10.99 7.33
C GLY B 33 8.96 -9.97 6.69
N VAL B 34 9.50 -8.84 6.31
CA VAL B 34 8.66 -7.80 5.76
C VAL B 34 8.24 -8.13 4.33
N SER B 35 9.01 -9.01 3.70
CA SER B 35 8.76 -9.39 2.29
C SER B 35 8.00 -10.71 2.23
N ALA B 36 8.22 -11.54 3.24
CA ALA B 36 7.42 -12.77 3.34
C ALA B 36 5.93 -12.43 3.49
N GLU B 37 5.63 -11.34 4.21
CA GLU B 37 4.26 -10.91 4.43
C GLU B 37 3.59 -10.29 3.19
N SER B 38 4.35 -10.08 2.13
CA SER B 38 3.74 -9.67 0.87
C SER B 38 3.54 -10.89 -0.02
N GLY B 39 3.83 -12.07 0.47
CA GLY B 39 3.65 -13.30 -0.33
C GLY B 39 4.82 -13.67 -1.21
N VAL B 40 6.02 -13.21 -0.86
CA VAL B 40 7.17 -13.21 -1.81
C VAL B 40 8.10 -14.38 -1.52
N PRO B 41 8.21 -15.31 -2.47
CA PRO B 41 8.93 -16.54 -2.13
C PRO B 41 10.39 -16.32 -1.87
N THR B 42 10.95 -17.07 -0.92
CA THR B 42 12.33 -16.90 -0.57
C THR B 42 13.11 -17.96 -1.28
N PHE B 43 12.57 -19.17 -1.37
CA PHE B 43 13.31 -20.30 -1.92
C PHE B 43 14.29 -21.03 -0.96
N ARG B 44 14.13 -20.74 0.32
CA ARG B 44 15.12 -21.21 1.26
C ARG B 44 14.60 -22.39 1.99
N GLY B 45 13.37 -22.36 2.45
CA GLY B 45 12.85 -23.50 3.25
C GLY B 45 12.70 -24.85 2.55
N PRO B 46 12.11 -25.85 3.23
CA PRO B 46 11.82 -27.14 2.55
C PRO B 46 10.87 -26.96 1.34
N GLY B 47 9.96 -26.01 1.45
CA GLY B 47 9.03 -25.70 0.33
C GLY B 47 9.67 -24.87 -0.76
N GLY B 48 10.87 -24.39 -0.55
CA GLY B 48 11.39 -23.24 -1.28
C GLY B 48 12.23 -23.77 -2.39
N PHE B 49 11.57 -24.61 -3.18
CA PHE B 49 12.13 -25.13 -4.42
C PHE B 49 11.61 -24.36 -5.65
N TRP B 50 12.52 -24.12 -6.58
CA TRP B 50 12.16 -23.64 -7.91
C TRP B 50 12.74 -24.68 -8.87
N ARG B 51 11.88 -25.35 -9.65
CA ARG B 51 12.29 -26.58 -10.30
C ARG B 51 12.95 -27.46 -9.24
N LYS B 52 14.07 -28.09 -9.54
CA LYS B 52 14.64 -28.93 -8.49
C LYS B 52 15.82 -28.28 -7.82
N TRP B 53 15.85 -26.94 -7.78
CA TRP B 53 16.90 -26.20 -7.08
C TRP B 53 16.36 -25.36 -5.97
N GLN B 54 17.26 -24.98 -5.06
CA GLN B 54 16.96 -24.01 -4.02
C GLN B 54 17.82 -22.79 -4.28
N ALA B 55 17.54 -21.72 -3.54
CA ALA B 55 18.27 -20.46 -3.74
C ALA B 55 19.78 -20.59 -3.61
N GLN B 56 20.26 -21.38 -2.64
CA GLN B 56 21.73 -21.63 -2.47
C GLN B 56 22.38 -22.08 -3.75
N ASP B 57 21.67 -22.89 -4.51
CA ASP B 57 22.26 -23.51 -5.69
C ASP B 57 22.43 -22.46 -6.79
N LEU B 58 21.60 -21.44 -6.77
CA LEU B 58 21.49 -20.61 -7.97
C LEU B 58 22.07 -19.24 -7.79
N ALA B 59 21.96 -18.69 -6.59
CA ALA B 59 22.39 -17.30 -6.34
C ALA B 59 23.88 -17.28 -5.97
N THR B 60 24.70 -17.69 -6.94
CA THR B 60 26.16 -17.72 -6.80
C THR B 60 26.81 -17.43 -8.14
N PRO B 61 28.00 -16.83 -8.11
CA PRO B 61 28.74 -16.58 -9.34
C PRO B 61 29.15 -17.87 -10.12
N GLU B 62 29.28 -18.98 -9.39
CA GLU B 62 29.60 -20.27 -10.01
C GLU B 62 28.42 -20.77 -10.85
N ALA B 63 27.20 -20.62 -10.33
CA ALA B 63 26.03 -20.99 -11.14
C ALA B 63 25.97 -20.11 -12.39
N PHE B 64 26.17 -18.81 -12.22
CA PHE B 64 26.08 -17.91 -13.37
C PHE B 64 27.16 -18.16 -14.42
N SER B 65 28.37 -18.49 -13.97
CA SER B 65 29.45 -18.73 -14.91
C SER B 65 29.18 -20.01 -15.70
N ARG B 66 28.60 -21.01 -15.05
CA ARG B 66 28.48 -22.36 -15.58
C ARG B 66 27.15 -22.61 -16.32
N ASP B 67 26.12 -21.82 -15.98
CA ASP B 67 24.84 -21.96 -16.65
C ASP B 67 24.06 -20.65 -16.54
N PRO B 68 24.53 -19.63 -17.26
CA PRO B 68 23.88 -18.35 -17.13
C PRO B 68 22.41 -18.37 -17.59
N SER B 69 22.07 -19.20 -18.56
CA SER B 69 20.68 -19.28 -19.00
C SER B 69 19.77 -19.75 -17.85
N LEU B 70 20.23 -20.75 -17.13
CA LEU B 70 19.42 -21.29 -16.02
C LEU B 70 19.22 -20.23 -14.92
N VAL B 71 20.29 -19.51 -14.59
CA VAL B 71 20.25 -18.49 -13.55
C VAL B 71 19.36 -17.35 -14.02
N TRP B 72 19.44 -16.98 -15.29
CA TRP B 72 18.56 -15.92 -15.78
C TRP B 72 17.08 -16.36 -15.81
N GLU B 73 16.80 -17.63 -16.11
CA GLU B 73 15.42 -18.12 -16.04
C GLU B 73 14.84 -17.94 -14.63
N PHE B 74 15.66 -18.27 -13.64
CA PHE B 74 15.30 -18.15 -12.23
C PHE B 74 15.03 -16.69 -11.83
N TYR B 75 15.94 -15.79 -12.21
CA TYR B 75 15.72 -14.36 -11.90
C TYR B 75 14.56 -13.78 -12.69
N HIS B 76 14.35 -14.26 -13.92
CA HIS B 76 13.22 -13.79 -14.71
C HIS B 76 11.91 -14.18 -14.03
N TYR B 77 11.82 -15.44 -13.61
CA TYR B 77 10.67 -15.90 -12.84
C TYR B 77 10.43 -14.97 -11.66
N ARG B 78 11.45 -14.68 -10.88
CA ARG B 78 11.29 -13.81 -9.70
C ARG B 78 10.84 -12.39 -10.07
N ARG B 79 11.44 -11.80 -11.10
CA ARG B 79 10.99 -10.50 -11.57
C ARG B 79 9.49 -10.53 -11.93
N GLU B 80 9.10 -11.58 -12.66
CA GLU B 80 7.73 -11.67 -13.15
C GLU B 80 6.72 -11.85 -12.02
N VAL B 81 7.10 -12.66 -11.03
CA VAL B 81 6.22 -12.90 -9.88
C VAL B 81 6.03 -11.65 -9.06
N MET B 82 6.92 -10.66 -9.06
CA MET B 82 6.70 -9.41 -8.32
C MET B 82 5.46 -8.61 -8.75
N ARG B 83 5.07 -8.75 -10.00
CA ARG B 83 3.91 -7.99 -10.51
C ARG B 83 2.67 -8.21 -9.64
N SER B 84 2.45 -9.42 -9.14
CA SER B 84 1.22 -9.73 -8.34
C SER B 84 1.41 -9.55 -6.83
N LYS B 85 2.65 -9.47 -6.44
CA LYS B 85 2.91 -9.27 -5.00
C LYS B 85 2.88 -7.78 -4.71
N MET B 86 2.27 -7.34 -3.61
CA MET B 86 2.02 -5.93 -3.34
C MET B 86 2.61 -5.55 -1.97
N PRO B 87 3.06 -4.29 -1.83
CA PRO B 87 3.50 -3.82 -0.52
C PRO B 87 2.40 -3.96 0.51
N ASN B 88 2.80 -4.24 1.75
CA ASN B 88 1.89 -4.49 2.84
C ASN B 88 1.86 -3.28 3.77
N PRO B 89 1.01 -3.37 4.80
CA PRO B 89 0.81 -2.22 5.66
C PRO B 89 2.06 -1.76 6.37
N ALA B 90 3.00 -2.65 6.65
CA ALA B 90 4.29 -2.25 7.21
C ALA B 90 5.08 -1.40 6.25
N HIS B 91 5.20 -1.83 5.00
CA HIS B 91 5.91 -1.00 4.02
C HIS B 91 5.22 0.37 3.91
N LEU B 92 3.89 0.35 3.87
CA LEU B 92 3.19 1.62 3.69
C LEU B 92 3.38 2.57 4.88
N ALA B 93 3.27 2.02 6.09
CA ALA B 93 3.46 2.85 7.28
C ALA B 93 4.84 3.50 7.27
N ILE B 94 5.84 2.71 6.89
CA ILE B 94 7.21 3.20 6.81
C ILE B 94 7.37 4.32 5.79
N ALA B 95 6.78 4.17 4.62
CA ALA B 95 6.84 5.21 3.61
C ALA B 95 6.08 6.48 4.01
N GLU B 96 4.90 6.32 4.58
CA GLU B 96 4.15 7.53 4.92
C GLU B 96 4.79 8.25 6.12
N CYS B 97 5.35 7.47 7.04
CA CYS B 97 6.13 8.03 8.15
C CYS B 97 7.27 8.89 7.62
N GLU B 98 8.06 8.35 6.69
CA GLU B 98 9.17 9.12 6.09
C GLU B 98 8.63 10.42 5.51
N ALA B 99 7.53 10.37 4.76
CA ALA B 99 7.02 11.59 4.12
C ALA B 99 6.62 12.63 5.17
N ARG B 100 5.86 12.17 6.15
CA ARG B 100 5.34 13.07 7.20
C ARG B 100 6.47 13.70 8.01
N LEU B 101 7.42 12.86 8.44
CA LEU B 101 8.54 13.37 9.24
C LEU B 101 9.44 14.26 8.42
N GLY B 102 9.61 13.95 7.14
CA GLY B 102 10.47 14.79 6.27
C GLY B 102 10.01 16.24 6.19
N GLN B 103 8.70 16.42 6.17
CA GLN B 103 8.11 17.77 6.20
C GLN B 103 8.37 18.52 7.49
N GLN B 104 8.66 17.80 8.57
CA GLN B 104 9.04 18.37 9.86
C GLN B 104 10.55 18.48 10.02
N GLY B 105 11.30 18.22 8.96
CA GLY B 105 12.77 18.25 9.04
C GLY B 105 13.38 17.04 9.77
N ARG B 106 12.64 15.94 9.89
CA ARG B 106 13.14 14.76 10.60
C ARG B 106 13.41 13.67 9.57
N SER B 107 14.53 12.94 9.73
CA SER B 107 14.93 11.99 8.70
C SER B 107 14.53 10.57 9.09
N VAL B 108 14.05 9.84 8.10
CA VAL B 108 13.84 8.38 8.20
C VAL B 108 14.58 7.73 7.06
N VAL B 109 15.45 6.75 7.34
CA VAL B 109 16.18 6.03 6.30
C VAL B 109 15.90 4.54 6.48
N ILE B 110 15.76 3.85 5.36
CA ILE B 110 15.56 2.41 5.35
C ILE B 110 16.81 1.72 4.85
N ILE B 111 17.28 0.73 5.60
CA ILE B 111 18.40 -0.13 5.23
C ILE B 111 17.78 -1.50 5.06
N THR B 112 17.64 -1.94 3.83
CA THR B 112 16.91 -3.20 3.60
C THR B 112 17.82 -4.32 3.08
N GLN B 113 17.60 -5.52 3.63
CA GLN B 113 18.17 -6.74 3.07
C GLN B 113 17.45 -7.17 1.76
N ASN B 114 16.25 -6.66 1.52
CA ASN B 114 15.36 -7.25 0.51
C ASN B 114 15.63 -6.69 -0.86
N ILE B 115 15.54 -7.55 -1.87
CA ILE B 115 15.83 -7.16 -3.27
C ILE B 115 14.55 -6.97 -4.12
N ASP B 116 13.40 -7.04 -3.45
CA ASP B 116 12.11 -7.01 -4.17
C ASP B 116 11.61 -5.63 -4.59
N GLU B 117 12.27 -4.55 -4.18
CA GLU B 117 11.84 -3.16 -4.44
C GLU B 117 10.47 -2.78 -3.85
N LEU B 118 9.91 -3.62 -2.97
CA LEU B 118 8.59 -3.30 -2.36
C LEU B 118 8.56 -2.01 -1.54
N HIS B 119 9.70 -1.69 -0.94
CA HIS B 119 9.77 -0.42 -0.19
C HIS B 119 9.61 0.74 -1.17
N HIS B 120 10.19 0.61 -2.36
CA HIS B 120 10.09 1.68 -3.37
C HIS B 120 8.65 1.78 -3.87
N ARG B 121 8.02 0.64 -4.11
CA ARG B 121 6.64 0.62 -4.56
C ARG B 121 5.71 1.22 -3.51
N ALA B 122 6.08 1.08 -2.24
CA ALA B 122 5.30 1.66 -1.13
C ALA B 122 5.38 3.19 -1.05
N GLY B 123 6.42 3.76 -1.64
CA GLY B 123 6.66 5.23 -1.60
C GLY B 123 7.91 5.70 -0.86
N SER B 124 8.73 4.78 -0.35
CA SER B 124 9.91 5.18 0.39
C SER B 124 10.92 5.75 -0.59
N LYS B 125 11.54 6.86 -0.20
CA LYS B 125 12.60 7.45 -1.02
C LYS B 125 14.00 7.15 -0.51
N HIS B 126 14.20 7.28 0.80
CA HIS B 126 15.55 7.12 1.36
C HIS B 126 15.75 5.65 1.68
N VAL B 127 16.14 4.86 0.69
CA VAL B 127 16.30 3.42 0.84
C VAL B 127 17.68 2.99 0.36
N TYR B 128 18.37 2.23 1.20
CA TYR B 128 19.65 1.61 0.85
C TYR B 128 19.41 0.11 0.70
N GLU B 129 19.58 -0.36 -0.53
CA GLU B 129 19.39 -1.76 -0.84
C GLU B 129 20.74 -2.47 -0.75
N ILE B 130 21.03 -3.02 0.43
CA ILE B 130 22.38 -3.52 0.68
C ILE B 130 22.69 -4.83 -0.04
N HIS B 131 21.66 -5.51 -0.55
CA HIS B 131 21.87 -6.75 -1.32
C HIS B 131 21.52 -6.59 -2.79
N GLY B 132 21.33 -5.35 -3.20
CA GLY B 132 20.94 -5.07 -4.58
C GLY B 132 19.45 -5.08 -4.83
N SER B 133 19.11 -5.28 -6.09
CA SER B 133 17.72 -5.23 -6.51
C SER B 133 17.47 -6.14 -7.69
N LEU B 134 16.32 -6.82 -7.67
CA LEU B 134 15.90 -7.67 -8.80
C LEU B 134 15.71 -6.87 -10.09
N PHE B 135 15.54 -5.55 -9.93
CA PHE B 135 15.22 -4.66 -11.04
C PHE B 135 16.36 -3.70 -11.37
N LYS B 136 17.57 -4.19 -11.14
CA LYS B 136 18.79 -3.58 -11.66
C LYS B 136 19.65 -4.63 -12.29
N THR B 137 20.40 -4.23 -13.30
CA THR B 137 21.42 -5.07 -13.91
C THR B 137 22.81 -4.50 -13.67
N ARG B 138 23.83 -5.35 -13.76
CA ARG B 138 25.22 -4.89 -13.80
C ARG B 138 25.88 -5.52 -15.02
N CYS B 139 26.60 -4.70 -15.79
CA CYS B 139 27.33 -5.26 -16.94
C CYS B 139 28.61 -5.95 -16.51
N MET B 140 28.76 -7.19 -16.94
CA MET B 140 29.93 -8.00 -16.63
C MET B 140 31.23 -7.51 -17.28
N SER B 141 31.07 -6.67 -18.30
CA SER B 141 32.19 -6.05 -19.04
C SER B 141 32.61 -4.66 -18.53
N CYS B 142 31.70 -3.66 -18.58
CA CYS B 142 32.05 -2.28 -18.22
C CYS B 142 31.59 -1.91 -16.80
N GLY B 143 30.83 -2.79 -16.13
CA GLY B 143 30.45 -2.55 -14.74
C GLY B 143 29.26 -1.62 -14.49
N GLU B 144 28.64 -1.12 -15.55
CA GLU B 144 27.59 -0.13 -15.39
C GLU B 144 26.35 -0.77 -14.76
N VAL B 145 25.74 -0.04 -13.83
CA VAL B 145 24.59 -0.53 -13.10
C VAL B 145 23.38 0.28 -13.61
N LYS B 146 22.28 -0.39 -13.95
CA LYS B 146 21.18 0.26 -14.64
C LYS B 146 19.86 -0.32 -14.15
N ALA B 147 18.87 0.56 -13.99
CA ALA B 147 17.54 0.12 -13.63
C ALA B 147 16.90 -0.63 -14.78
N ASN B 148 16.14 -1.67 -14.46
CA ASN B 148 15.45 -2.40 -15.51
C ASN B 148 14.22 -3.13 -14.99
N HIS B 149 13.05 -2.70 -15.45
CA HIS B 149 11.77 -3.23 -15.00
C HIS B 149 11.03 -3.89 -16.15
N LYS B 150 11.71 -4.12 -17.25
CA LYS B 150 11.03 -4.64 -18.44
C LYS B 150 10.46 -6.02 -18.22
N SER B 151 9.22 -6.27 -18.70
CA SER B 151 8.62 -7.60 -18.71
C SER B 151 8.32 -7.98 -20.16
N PRO B 152 9.05 -8.96 -20.74
CA PRO B 152 10.19 -9.69 -20.22
C PRO B 152 11.50 -8.91 -20.41
N ILE B 153 12.48 -9.16 -19.56
CA ILE B 153 13.74 -8.39 -19.65
C ILE B 153 14.42 -8.45 -21.04
N CYS B 154 14.32 -9.60 -21.71
CA CYS B 154 14.74 -9.69 -23.09
C CYS B 154 13.79 -10.65 -23.80
N PRO B 155 13.66 -10.49 -25.13
CA PRO B 155 12.65 -11.29 -25.84
C PRO B 155 12.84 -12.79 -25.71
N ALA B 156 14.08 -13.27 -25.67
CA ALA B 156 14.33 -14.70 -25.62
C ALA B 156 13.82 -15.34 -24.32
N LEU B 157 13.68 -14.52 -23.27
CA LEU B 157 13.16 -15.01 -21.98
C LEU B 157 11.65 -14.95 -21.88
N ASP B 158 10.97 -14.48 -22.91
CA ASP B 158 9.51 -14.35 -22.87
C ASP B 158 8.84 -15.69 -22.64
N GLY B 159 8.02 -15.76 -21.60
CA GLY B 159 7.34 -17.01 -21.28
C GLY B 159 8.18 -18.12 -20.63
N LYS B 160 9.43 -17.79 -20.28
CA LYS B 160 10.33 -18.73 -19.64
C LYS B 160 10.32 -18.59 -18.10
N GLY B 161 11.10 -19.44 -17.44
CA GLY B 161 11.22 -19.44 -15.98
C GLY B 161 10.18 -20.22 -15.20
N ALA B 162 9.43 -21.10 -15.84
CA ALA B 162 8.43 -21.86 -15.11
C ALA B 162 9.07 -22.63 -13.96
N PRO B 163 8.39 -22.65 -12.79
CA PRO B 163 8.95 -23.24 -11.59
C PRO B 163 8.69 -24.75 -11.40
N ASP B 164 7.89 -25.36 -12.28
CA ASP B 164 7.61 -26.77 -12.18
C ASP B 164 8.86 -27.66 -12.35
N PRO B 165 9.03 -28.64 -11.45
CA PRO B 165 10.06 -29.62 -11.62
C PRO B 165 10.37 -30.14 -13.02
N ASN B 166 9.36 -30.48 -13.82
CA ASN B 166 9.55 -31.07 -15.13
C ASN B 166 9.53 -30.06 -16.28
N THR B 167 9.71 -28.78 -15.98
CA THR B 167 9.89 -27.80 -17.00
C THR B 167 11.20 -28.06 -17.72
N LYS B 168 11.15 -27.98 -19.04
CA LYS B 168 12.38 -28.01 -19.87
C LYS B 168 13.19 -26.72 -19.76
N GLU B 169 14.51 -26.84 -19.82
CA GLU B 169 15.35 -25.67 -19.84
C GLU B 169 15.21 -24.90 -21.15
N ALA B 170 15.23 -23.57 -21.04
CA ALA B 170 15.28 -22.66 -22.17
C ALA B 170 16.78 -22.50 -22.30
N ARG B 171 17.38 -23.32 -23.13
CA ARG B 171 18.85 -23.32 -23.24
C ARG B 171 19.39 -21.97 -23.71
N ILE B 172 18.73 -21.25 -24.61
CA ILE B 172 19.07 -19.80 -24.88
C ILE B 172 20.59 -19.42 -24.91
N PRO B 173 21.14 -19.30 -26.11
CA PRO B 173 22.50 -18.94 -26.30
C PRO B 173 22.85 -17.67 -25.56
N VAL B 174 24.06 -17.62 -25.03
CA VAL B 174 24.47 -16.51 -24.19
C VAL B 174 24.34 -15.15 -24.91
N GLU B 175 24.49 -15.14 -26.22
CA GLU B 175 24.40 -13.92 -26.98
C GLU B 175 23.01 -13.31 -26.91
N LEU B 176 22.01 -14.13 -26.59
CA LEU B 176 20.62 -13.66 -26.56
C LEU B 176 20.07 -13.47 -25.14
N LEU B 177 20.90 -13.69 -24.13
CA LEU B 177 20.57 -13.27 -22.78
C LEU B 177 20.72 -11.74 -22.70
N PRO B 178 20.29 -11.09 -21.59
CA PRO B 178 20.32 -9.62 -21.58
C PRO B 178 21.74 -9.11 -21.77
N ARG B 179 21.89 -8.20 -22.73
CA ARG B 179 23.20 -7.63 -23.05
C ARG B 179 23.22 -6.11 -22.91
N CYS B 180 24.42 -5.60 -22.65
CA CYS B 180 24.64 -4.17 -22.38
C CYS B 180 24.47 -3.34 -23.67
N GLU B 181 23.75 -2.24 -23.55
CA GLU B 181 23.19 -1.59 -24.72
C GLU B 181 23.94 -0.30 -25.08
N ARG B 182 25.19 -0.23 -24.64
CA ARG B 182 26.14 0.72 -25.19
C ARG B 182 26.94 -0.07 -26.23
N LYS B 183 26.83 0.25 -27.53
CA LYS B 183 27.43 -0.57 -28.62
C LYS B 183 28.91 -0.78 -28.37
N SER B 184 29.57 0.23 -27.80
CA SER B 184 31.00 0.14 -27.50
C SER B 184 31.36 -1.01 -26.51
N CYS B 185 30.41 -1.40 -25.65
CA CYS B 185 30.65 -2.49 -24.71
C CYS B 185 30.01 -3.81 -25.15
N ASN B 186 28.68 -3.83 -25.17
CA ASN B 186 27.90 -5.06 -25.51
C ASN B 186 27.94 -6.28 -24.53
N GLY B 187 28.44 -6.06 -23.31
CA GLY B 187 28.68 -7.15 -22.36
C GLY B 187 27.46 -7.91 -21.89
N LEU B 188 27.65 -9.13 -21.41
CA LEU B 188 26.55 -9.87 -20.75
C LEU B 188 26.13 -9.19 -19.45
N LEU B 189 24.84 -8.95 -19.28
CA LEU B 189 24.36 -8.38 -18.02
C LEU B 189 24.11 -9.48 -17.01
N ARG B 190 24.34 -9.16 -15.73
CA ARG B 190 23.89 -10.03 -14.63
C ARG B 190 22.95 -9.27 -13.73
N PRO B 191 22.14 -9.97 -12.91
CA PRO B 191 21.38 -9.22 -11.89
C PRO B 191 22.29 -8.45 -10.96
N HIS B 192 21.93 -7.21 -10.60
CA HIS B 192 22.69 -6.45 -9.63
C HIS B 192 22.18 -6.82 -8.25
N VAL B 193 22.39 -8.09 -7.87
CA VAL B 193 22.03 -8.61 -6.55
C VAL B 193 23.29 -9.22 -5.95
N VAL B 194 23.46 -9.09 -4.65
CA VAL B 194 24.59 -9.71 -3.97
C VAL B 194 24.29 -11.19 -3.79
N TRP B 195 25.18 -12.01 -4.32
CA TRP B 195 25.04 -13.46 -4.23
C TRP B 195 25.84 -14.07 -3.08
N PHE B 196 25.51 -15.34 -2.79
CA PHE B 196 26.23 -16.11 -1.76
C PHE B 196 27.69 -16.18 -2.16
N GLY B 197 28.56 -15.83 -1.21
CA GLY B 197 29.98 -15.67 -1.48
C GLY B 197 30.46 -14.29 -1.89
N GLU B 198 29.57 -13.30 -1.99
CA GLU B 198 29.98 -11.97 -2.45
C GLU B 198 29.87 -10.93 -1.33
N THR B 199 30.72 -9.91 -1.40
CA THR B 199 30.76 -8.87 -0.38
C THR B 199 29.80 -7.76 -0.72
N LEU B 200 29.29 -7.14 0.31
CA LEU B 200 28.47 -5.96 0.16
C LEU B 200 29.32 -4.82 -0.39
N ASP B 201 28.70 -3.88 -1.09
CA ASP B 201 29.42 -2.81 -1.74
C ASP B 201 29.99 -1.88 -0.66
N SER B 202 31.27 -1.57 -0.75
CA SER B 202 31.88 -0.67 0.22
C SER B 202 31.29 0.73 0.35
N ASP B 203 30.90 1.33 -0.78
CA ASP B 203 30.32 2.68 -0.83
C ASP B 203 29.00 2.65 -0.11
N ILE B 204 28.24 1.57 -0.31
CA ILE B 204 26.93 1.51 0.34
C ILE B 204 27.11 1.41 1.85
N LEU B 205 28.04 0.54 2.26
CA LEU B 205 28.32 0.40 3.67
C LEU B 205 28.82 1.67 4.30
N THR B 206 29.64 2.44 3.59
CA THR B 206 30.07 3.73 4.16
C THR B 206 28.88 4.68 4.38
N ALA B 207 27.94 4.70 3.45
CA ALA B 207 26.77 5.54 3.60
C ALA B 207 25.89 5.08 4.77
N VAL B 208 25.71 3.77 4.85
CA VAL B 208 24.95 3.19 5.95
C VAL B 208 25.66 3.55 7.24
N GLU B 209 26.97 3.47 7.32
CA GLU B 209 27.65 3.73 8.60
C GLU B 209 27.41 5.18 9.03
N ARG B 210 27.47 6.10 8.07
CA ARG B 210 27.19 7.51 8.37
C ARG B 210 25.76 7.70 8.93
N GLU B 211 24.78 7.07 8.30
CA GLU B 211 23.40 7.19 8.77
C GLU B 211 23.26 6.58 10.16
N LEU B 212 23.85 5.41 10.38
CA LEU B 212 23.68 4.74 11.66
C LEU B 212 24.36 5.56 12.74
N GLU B 213 25.47 6.21 12.43
CA GLU B 213 26.18 6.99 13.46
C GLU B 213 25.43 8.26 13.83
N LYS B 214 24.61 8.76 12.93
CA LYS B 214 23.82 9.98 13.16
C LYS B 214 22.40 9.71 13.75
N CYS B 215 21.92 8.52 13.54
CA CYS B 215 20.63 8.12 14.02
C CYS B 215 20.45 8.17 15.53
N ASP B 216 19.22 8.46 16.01
CA ASP B 216 18.97 8.48 17.44
C ASP B 216 17.81 7.57 17.81
N LEU B 217 17.42 6.70 16.87
CA LEU B 217 16.46 5.64 17.18
C LEU B 217 16.51 4.67 16.02
N CYS B 218 16.52 3.38 16.31
CA CYS B 218 16.67 2.40 15.27
C CYS B 218 15.60 1.31 15.43
N LEU B 219 14.96 0.96 14.31
CA LEU B 219 13.93 -0.07 14.29
C LEU B 219 14.45 -1.21 13.45
N VAL B 220 14.13 -2.41 13.87
CA VAL B 220 14.53 -3.60 13.16
C VAL B 220 13.29 -4.38 12.85
N VAL B 221 12.94 -4.43 11.57
CA VAL B 221 11.65 -4.96 11.14
C VAL B 221 11.77 -6.23 10.29
N GLY B 222 11.04 -7.27 10.66
CA GLY B 222 11.08 -8.53 9.85
C GLY B 222 12.47 -9.17 9.76
N THR B 223 13.16 -9.08 10.88
CA THR B 223 14.37 -9.81 11.18
C THR B 223 14.72 -9.51 12.65
N SER B 224 15.86 -10.02 13.09
CA SER B 224 16.34 -9.83 14.46
C SER B 224 17.69 -9.10 14.50
N SER B 225 17.89 -8.31 15.55
CA SER B 225 19.15 -7.59 15.74
C SER B 225 20.34 -8.54 15.78
N ILE B 226 20.16 -9.81 16.19
CA ILE B 226 21.29 -10.71 16.50
C ILE B 226 21.66 -11.73 15.40
N VAL B 227 20.70 -11.96 14.51
CA VAL B 227 20.97 -12.63 13.23
C VAL B 227 21.62 -11.68 12.22
N TYR B 228 22.50 -12.24 11.41
CA TYR B 228 23.23 -11.52 10.31
C TYR B 228 22.42 -11.53 9.03
N PRO B 229 22.54 -10.48 8.23
CA PRO B 229 23.40 -9.34 8.32
C PRO B 229 22.87 -8.23 9.22
N ALA B 230 21.62 -8.34 9.69
CA ALA B 230 21.09 -7.28 10.60
C ALA B 230 22.05 -6.99 11.80
N ALA B 231 22.68 -8.04 12.30
CA ALA B 231 23.62 -7.99 13.39
C ALA B 231 24.74 -7.01 13.17
N MET B 232 25.00 -6.58 11.93
CA MET B 232 26.03 -5.56 11.58
C MET B 232 25.70 -4.14 12.01
N PHE B 233 24.42 -3.89 12.05
CA PHE B 233 23.97 -2.55 12.33
C PHE B 233 23.50 -2.32 13.75
N ALA B 234 22.51 -3.10 14.16
CA ALA B 234 21.71 -2.70 15.30
C ALA B 234 22.50 -2.75 16.60
N PRO B 235 23.31 -3.79 16.82
CA PRO B 235 24.14 -3.79 18.03
C PRO B 235 25.05 -2.56 18.15
N GLN B 236 25.60 -2.09 17.02
CA GLN B 236 26.44 -0.88 17.05
C GLN B 236 25.66 0.30 17.56
N VAL B 237 24.43 0.41 17.08
CA VAL B 237 23.60 1.52 17.52
C VAL B 237 23.23 1.39 19.00
N ALA B 238 22.82 0.21 19.42
CA ALA B 238 22.45 -0.03 20.80
C ALA B 238 23.58 0.28 21.75
N SER B 239 24.81 -0.07 21.36
CA SER B 239 25.96 0.15 22.24
C SER B 239 26.37 1.63 22.36
N ARG B 240 25.81 2.50 21.50
CA ARG B 240 25.96 3.98 21.67
C ARG B 240 24.90 4.51 22.62
N GLY B 241 24.04 3.63 23.12
CA GLY B 241 22.95 3.97 24.03
C GLY B 241 21.67 4.40 23.34
N VAL B 242 21.55 4.09 22.06
CA VAL B 242 20.39 4.49 21.28
C VAL B 242 19.35 3.38 21.34
N PRO B 243 18.07 3.75 21.51
CA PRO B 243 17.10 2.66 21.63
C PRO B 243 16.91 1.92 20.33
N VAL B 244 16.75 0.61 20.46
CA VAL B 244 16.46 -0.29 19.35
C VAL B 244 15.12 -0.99 19.61
N ALA B 245 14.28 -0.99 18.58
CA ALA B 245 12.96 -1.60 18.69
C ALA B 245 12.80 -2.65 17.61
N GLU B 246 12.56 -3.89 18.02
CA GLU B 246 12.38 -4.97 17.06
C GLU B 246 10.89 -5.20 16.80
N PHE B 247 10.50 -5.31 15.52
CA PHE B 247 9.17 -5.80 15.16
C PHE B 247 9.33 -7.04 14.35
N ASN B 248 9.01 -8.20 14.93
CA ASN B 248 9.08 -9.43 14.17
C ASN B 248 8.18 -10.47 14.77
N MET B 249 7.84 -11.39 13.92
CA MET B 249 6.98 -12.47 14.32
C MET B 249 7.84 -13.66 14.60
N GLU B 250 9.15 -13.49 14.82
CA GLU B 250 10.08 -14.63 14.68
C GLU B 250 9.88 -15.59 15.82
N CYS B 251 9.13 -15.20 16.85
CA CYS B 251 9.00 -15.99 18.04
C CYS B 251 10.33 -16.08 18.83
N THR B 252 11.09 -14.98 18.81
CA THR B 252 12.48 -15.02 19.34
C THR B 252 12.31 -15.35 20.81
N PRO B 253 13.21 -16.20 21.40
CA PRO B 253 13.13 -16.42 22.85
C PRO B 253 13.38 -15.11 23.63
N ALA B 254 12.99 -15.02 24.89
CA ALA B 254 13.12 -13.74 25.62
C ALA B 254 14.60 -13.39 25.86
N THR B 255 15.48 -14.38 25.81
CA THR B 255 16.89 -14.19 26.20
C THR B 255 17.56 -13.00 25.49
N GLN B 256 17.38 -12.89 24.18
CA GLN B 256 17.83 -11.67 23.49
C GLN B 256 16.79 -11.08 22.50
N ARG B 257 15.54 -11.07 22.94
CA ARG B 257 14.59 -10.07 22.50
C ARG B 257 15.18 -8.75 23.05
N PHE B 258 15.31 -7.72 22.20
CA PHE B 258 16.12 -6.50 22.50
C PHE B 258 15.37 -5.50 23.41
N LYS B 259 15.70 -4.20 23.31
CA LYS B 259 15.29 -3.22 24.32
C LYS B 259 13.82 -2.87 24.23
N TYR B 260 13.28 -2.78 23.01
CA TYR B 260 11.82 -3.06 22.87
C TYR B 260 11.61 -4.13 21.81
N HIS B 261 10.63 -4.99 22.05
CA HIS B 261 10.25 -6.04 21.13
C HIS B 261 8.76 -6.08 21.05
N PHE B 262 8.27 -5.97 19.82
CA PHE B 262 6.85 -6.09 19.51
C PHE B 262 6.67 -7.32 18.65
N GLU B 263 6.14 -8.37 19.27
CA GLU B 263 5.96 -9.66 18.61
C GLU B 263 4.68 -9.66 17.79
N GLY B 264 4.84 -10.07 16.55
CA GLY B 264 3.70 -10.26 15.64
C GLY B 264 4.02 -9.80 14.24
N PRO B 265 3.08 -10.01 13.31
CA PRO B 265 3.34 -9.61 11.93
C PRO B 265 3.48 -8.10 11.85
N CYS B 266 4.51 -7.65 11.16
CA CYS B 266 4.86 -6.24 11.14
C CYS B 266 3.78 -5.34 10.53
N GLY B 267 2.99 -5.93 9.64
CA GLY B 267 1.88 -5.19 9.06
C GLY B 267 0.76 -4.88 10.06
N SER B 268 0.74 -5.60 11.18
CA SER B 268 -0.15 -5.29 12.30
C SER B 268 0.49 -4.35 13.30
N THR B 269 1.73 -4.63 13.68
CA THR B 269 2.32 -3.90 14.81
C THR B 269 2.83 -2.48 14.40
N LEU B 270 3.40 -2.46 13.21
CA LEU B 270 4.16 -1.30 12.87
C LEU B 270 3.31 -0.07 12.55
N PRO B 271 2.17 -0.23 11.86
CA PRO B 271 1.41 0.99 11.57
C PRO B 271 0.97 1.66 12.87
N PRO B 272 0.62 0.87 13.92
CA PRO B 272 0.25 1.50 15.20
C PRO B 272 1.43 2.22 15.84
N ALA B 273 2.58 1.57 15.89
CA ALA B 273 3.78 2.20 16.45
C ALA B 273 4.24 3.49 15.75
N LEU B 274 4.10 3.53 14.43
CA LEU B 274 4.62 4.62 13.62
C LEU B 274 3.64 5.78 13.33
N GLU B 275 2.40 5.64 13.78
CA GLU B 275 1.31 6.61 13.40
C GLU B 275 1.54 8.10 13.74
C BEZ C 1 -31.80 17.47 -7.42
O1 BEZ C 1 -31.21 18.28 -6.72
C1 BEZ C 1 -33.07 17.82 -7.91
C2 BEZ C 1 -34.21 17.17 -7.46
C3 BEZ C 1 -35.46 17.51 -7.94
C4 BEZ C 1 -35.53 18.51 -8.90
C5 BEZ C 1 -34.38 19.15 -9.38
C6 BEZ C 1 -33.14 18.81 -8.88
N GLY C 2 -31.37 16.23 -7.76
CA GLY C 2 -30.05 15.62 -7.42
C GLY C 2 -30.28 14.39 -6.58
N VAL C 3 -29.35 13.46 -6.76
CA VAL C 3 -29.50 12.08 -6.29
C VAL C 3 -29.38 12.03 -4.79
N LEU C 4 -30.21 11.20 -4.18
CA LEU C 4 -30.25 11.12 -2.75
C LEU C 4 -29.40 9.94 -2.34
C SLL C 5 -28.30 8.05 -0.62
N SLL C 5 -28.34 10.24 -1.58
O SLL C 5 -29.24 8.19 0.14
CA SLL C 5 -27.44 9.25 -1.01
CB SLL C 5 -26.67 9.93 0.17
CD SLL C 5 -24.73 8.67 1.25
CE SLL C 5 -24.38 9.03 2.68
CG SLL C 5 -26.23 9.00 1.29
CK SLL C 5 -21.00 7.90 4.11
CL SLL C 5 -21.20 8.78 5.38
CP SLL C 5 -20.32 8.37 6.55
CX SLL C 5 -22.47 7.74 3.64
OX SLL C 5 -23.08 6.69 3.83
NZ SLL C 5 -22.99 8.83 3.05
OP1 SLL C 5 -19.99 9.29 7.31
OP2 SLL C 5 -19.98 7.18 6.70
N GLU C 6 -28.00 6.91 -1.22
CA GLU C 6 -28.63 5.62 -0.90
C GLU C 6 -30.12 5.50 -1.25
N TYR C 7 -30.55 6.39 -2.14
CA TYR C 7 -31.94 6.54 -2.54
C TYR C 7 -32.91 6.85 -1.37
N GLY C 8 -32.41 7.38 -0.24
CA GLY C 8 -33.22 7.62 0.97
C GLY C 8 -33.52 6.43 1.87
N VAL C 9 -33.09 5.22 1.49
CA VAL C 9 -33.36 4.02 2.30
C VAL C 9 -32.62 4.06 3.64
ZN ZN D . -15.64 30.40 4.91
N1 EPE E . 21.61 -13.27 -1.06
C2 EPE E . 22.11 -14.32 -0.16
C3 EPE E . 23.44 -13.80 0.39
N4 EPE E . 23.19 -12.56 1.15
C5 EPE E . 22.54 -11.58 0.28
C6 EPE E . 21.22 -12.12 -0.25
C7 EPE E . 24.38 -11.93 1.78
C8 EPE E . 25.57 -11.74 0.84
O8 EPE E . 26.76 -12.20 1.49
C9 EPE E . 20.53 -13.67 -1.98
C10 EPE E . 19.56 -14.62 -1.30
S EPE E . 18.41 -15.08 -2.40
O1S EPE E . 18.94 -15.98 -3.46
O2S EPE E . 17.96 -13.89 -3.15
O3S EPE E . 17.36 -15.77 -1.60
ZN ZN F . 28.71 -2.67 -20.58
S DMS G . 2.55 5.53 -3.81
O DMS G . 2.38 6.43 -2.65
C1 DMS G . 2.46 3.94 -3.19
C2 DMS G . 4.12 5.57 -4.50
C1 EDO H . 16.56 -11.73 -0.25
O1 EDO H . 17.75 -11.27 0.44
C2 EDO H . 15.27 -11.41 0.52
O2 EDO H . 14.38 -10.66 -0.33
#